data_1JLO
#
_entry.id   1JLO
#
_cell.length_a   1.000
_cell.length_b   1.000
_cell.length_c   1.000
_cell.angle_alpha   90.00
_cell.angle_beta   90.00
_cell.angle_gamma   90.00
#
_symmetry.space_group_name_H-M   'P 1'
#
_entity_poly.entity_id   1
_entity_poly.type   'polypeptide(L)'
_entity_poly.pdbx_seq_one_letter_code
;H(HYP)(HYP)CCLYGKCRRY(HYP)GCSSASCCQR(NH2)
;
_entity_poly.pdbx_strand_id   A
#
loop_
_chem_comp.id
_chem_comp.type
_chem_comp.name
_chem_comp.formula
NH2 non-polymer 'AMINO GROUP' 'H2 N'
#
# COMPACT_ATOMS: atom_id res chain seq x y z
N HIS A 1 1.75 4.46 9.60
CA HIS A 1 2.25 3.30 8.84
C HIS A 1 3.65 3.52 8.21
N HYP A 2 4.43 2.42 7.99
CA HYP A 2 5.62 2.38 7.07
C HYP A 2 5.35 2.88 5.62
O HYP A 2 4.25 3.36 5.34
CB HYP A 2 5.93 0.86 7.12
CG HYP A 2 5.32 0.30 8.39
CD HYP A 2 4.03 1.04 8.32
OD1 HYP A 2 6.09 0.58 9.56
HA HYP A 2 6.42 2.94 7.51
HB2 HYP A 2 5.35 0.42 6.30
HB3 HYP A 2 6.98 0.53 7.00
HG HYP A 2 5.04 -0.75 8.35
HD22 HYP A 2 3.42 0.69 7.50
HD23 HYP A 2 3.41 0.81 9.19
HD1 HYP A 2 6.90 0.08 9.47
N HYP A 3 6.24 2.72 4.59
CA HYP A 3 5.84 2.81 3.17
C HYP A 3 4.79 1.75 2.79
O HYP A 3 5.06 0.55 2.99
CB HYP A 3 7.13 2.59 2.39
CG HYP A 3 8.26 2.83 3.40
CD HYP A 3 7.67 2.41 4.77
OD1 HYP A 3 8.60 4.21 3.43
HA HYP A 3 5.46 3.83 2.99
HB2 HYP A 3 7.20 1.55 2.01
HB3 HYP A 3 7.14 3.23 1.49
HG HYP A 3 9.15 2.24 3.13
HD22 HYP A 3 7.81 1.32 4.98
HD23 HYP A 3 8.13 2.95 5.62
HD1 HYP A 3 7.80 4.68 3.66
N CYS A 4 3.61 2.15 2.30
CA CYS A 4 2.63 1.14 1.87
C CYS A 4 2.94 0.46 0.53
N CYS A 5 3.57 1.13 -0.46
CA CYS A 5 4.10 0.44 -1.62
C CYS A 5 5.59 0.27 -1.33
N LEU A 6 5.88 -0.92 -0.80
CA LEU A 6 7.22 -1.37 -0.53
C LEU A 6 7.46 -2.42 -1.60
N TYR A 7 8.62 -2.25 -2.21
CA TYR A 7 9.04 -3.00 -3.40
C TYR A 7 8.17 -2.73 -4.71
N GLY A 8 7.52 -1.56 -4.71
CA GLY A 8 6.33 -1.23 -5.51
C GLY A 8 4.92 -1.66 -5.07
N LYS A 9 4.77 -2.62 -4.15
CA LYS A 9 3.60 -3.50 -4.09
C LYS A 9 2.89 -3.39 -2.74
N CYS A 10 1.64 -3.80 -2.89
CA CYS A 10 0.52 -3.39 -2.04
C CYS A 10 0.34 -4.29 -0.82
N ARG A 11 0.93 -3.81 0.28
CA ARG A 11 0.89 -4.47 1.60
C ARG A 11 -0.19 -3.82 2.50
N ARG A 12 -0.71 -4.69 3.36
CA ARG A 12 -1.93 -4.49 4.13
C ARG A 12 -1.71 -3.90 5.55
N TYR A 13 -1.14 -2.69 5.57
CA TYR A 13 -1.03 -1.84 6.76
C TYR A 13 -2.31 -0.97 6.97
N HYP A 14 -2.58 -0.36 8.17
CA HYP A 14 -3.95 0.06 8.54
C HYP A 14 -4.35 1.39 7.84
O HYP A 14 -3.90 2.48 8.19
CB HYP A 14 -3.95 0.16 10.07
CG HYP A 14 -2.49 0.21 10.47
CD HYP A 14 -1.74 -0.51 9.37
OD1 HYP A 14 -2.24 -0.36 11.75
HA HYP A 14 -4.61 -0.77 8.26
HB2 HYP A 14 -4.53 1.04 10.40
HB3 HYP A 14 -4.40 -0.71 10.58
HG HYP A 14 -2.14 1.23 10.42
HD22 HYP A 14 -0.73 -0.10 9.31
HD23 HYP A 14 -1.61 -1.56 9.55
HD1 HYP A 14 -2.55 -1.27 11.71
N GLY A 15 -5.21 1.24 6.83
CA GLY A 15 -5.67 2.36 5.96
C GLY A 15 -4.97 2.55 4.59
N CYS A 16 -4.30 1.51 4.06
CA CYS A 16 -3.70 1.47 2.72
C CYS A 16 -4.55 0.71 1.63
N SER A 17 -5.82 0.34 1.90
CA SER A 17 -6.89 0.32 0.86
C SER A 17 -7.04 1.60 -0.04
N SER A 18 -6.52 2.77 0.40
CA SER A 18 -6.26 3.96 -0.43
C SER A 18 -4.76 4.35 -0.63
N ALA A 19 -3.83 3.37 -0.61
CA ALA A 19 -2.64 3.41 -1.47
C ALA A 19 -3.01 3.16 -2.95
N SER A 20 -2.11 3.65 -3.79
CA SER A 20 -2.26 3.62 -5.24
C SER A 20 -1.73 2.37 -6.00
N CYS A 21 -0.60 1.78 -5.56
CA CYS A 21 -0.29 0.34 -5.86
C CYS A 21 -1.37 -0.75 -5.51
N CYS A 22 -2.25 -0.42 -4.55
CA CYS A 22 -3.48 -1.13 -4.18
C CYS A 22 -4.70 -1.06 -5.14
N GLN A 23 -4.78 0.03 -5.89
CA GLN A 23 -5.71 0.27 -6.99
C GLN A 23 -5.51 -0.67 -8.23
N ARG A 24 -4.27 -0.87 -8.75
CA ARG A 24 -3.92 -1.97 -9.69
C ARG A 24 -4.54 -1.93 -11.14
N NH2 A 25 -5.64 -1.28 -11.46
HN1 NH2 A 25 -6.17 -0.80 -10.72
HN2 NH2 A 25 -5.81 -1.23 -12.48
N HIS A 1 1.62 4.46 9.51
CA HIS A 1 2.17 3.29 8.76
C HIS A 1 3.56 3.53 8.14
N HYP A 2 4.37 2.44 7.95
CA HYP A 2 5.55 2.40 7.03
C HYP A 2 5.28 2.86 5.56
O HYP A 2 4.15 3.29 5.27
CB HYP A 2 5.91 0.89 7.14
CG HYP A 2 5.29 0.35 8.41
CD HYP A 2 3.98 1.06 8.31
OD1 HYP A 2 6.05 0.69 9.58
HA HYP A 2 6.35 3.00 7.46
HB2 HYP A 2 5.36 0.42 6.33
HB3 HYP A 2 6.97 0.60 7.03
HG HYP A 2 5.04 -0.70 8.39
HD22 HYP A 2 3.40 0.68 7.49
HD23 HYP A 2 3.36 0.84 9.18
HD1 HYP A 2 6.87 0.20 9.51
N HYP A 3 6.18 2.71 4.56
CA HYP A 3 5.79 2.81 3.13
C HYP A 3 4.76 1.74 2.72
O HYP A 3 5.05 0.55 2.91
CB HYP A 3 7.10 2.60 2.36
CG HYP A 3 8.21 2.86 3.39
CD HYP A 3 7.61 2.43 4.75
OD1 HYP A 3 8.52 4.25 3.42
HA HYP A 3 5.41 3.83 2.95
HB2 HYP A 3 7.18 1.55 1.99
HB3 HYP A 3 7.11 3.24 1.46
HG HYP A 3 9.11 2.30 3.13
HD22 HYP A 3 7.77 1.35 4.96
HD23 HYP A 3 8.07 2.98 5.59
HD1 HYP A 3 9.20 4.36 4.08
N CYS A 4 3.59 2.14 2.21
CA CYS A 4 2.61 1.12 1.78
C CYS A 4 2.92 0.47 0.42
N CYS A 5 3.55 1.17 -0.55
CA CYS A 5 4.09 0.49 -1.72
C CYS A 5 5.58 0.26 -1.41
N LEU A 6 5.79 -0.91 -0.81
CA LEU A 6 7.11 -1.39 -0.46
C LEU A 6 7.40 -2.45 -1.52
N TYR A 7 8.58 -2.25 -2.08
CA TYR A 7 9.06 -2.99 -3.27
C TYR A 7 8.22 -2.74 -4.59
N GLY A 8 7.57 -1.57 -4.63
CA GLY A 8 6.40 -1.27 -5.46
C GLY A 8 4.98 -1.69 -5.05
N LYS A 9 4.82 -2.69 -4.16
CA LYS A 9 3.64 -3.55 -4.14
C LYS A 9 2.90 -3.40 -2.80
N CYS A 10 1.63 -3.73 -2.98
CA CYS A 10 0.53 -3.28 -2.10
C CYS A 10 0.36 -4.20 -0.90
N ARG A 11 0.90 -3.72 0.23
CA ARG A 11 0.91 -4.42 1.49
C ARG A 11 -0.15 -3.83 2.44
N ARG A 12 -0.76 -4.74 3.20
CA ARG A 12 -1.98 -4.49 4.00
C ARG A 12 -1.70 -3.97 5.45
N TYR A 13 -1.07 -2.78 5.49
CA TYR A 13 -0.99 -1.94 6.69
C TYR A 13 -2.29 -1.09 6.92
N HYP A 14 -2.55 -0.51 8.13
CA HYP A 14 -3.92 -0.10 8.50
C HYP A 14 -4.33 1.25 7.84
O HYP A 14 -3.87 2.34 8.23
CB HYP A 14 -3.94 -0.04 10.04
CG HYP A 14 -2.47 0.00 10.44
CD HYP A 14 -1.71 -0.66 9.32
OD1 HYP A 14 -2.22 -0.58 11.71
HA HYP A 14 -4.59 -0.92 8.20
HB2 HYP A 14 -4.53 0.83 10.39
HB3 HYP A 14 -4.38 -0.93 10.51
HG HYP A 14 -2.13 1.03 10.42
HD22 HYP A 14 -0.71 -0.24 9.27
HD23 HYP A 14 -1.57 -1.72 9.48
HD1 HYP A 14 -1.28 -0.51 11.85
N GLY A 15 -5.17 1.12 6.82
CA GLY A 15 -5.63 2.28 5.99
C GLY A 15 -4.92 2.49 4.62
N CYS A 16 -4.28 1.46 4.05
CA CYS A 16 -3.70 1.45 2.70
C CYS A 16 -4.55 0.73 1.59
N SER A 17 -5.82 0.37 1.87
CA SER A 17 -6.90 0.38 0.82
C SER A 17 -7.04 1.68 -0.05
N SER A 18 -6.50 2.83 0.41
CA SER A 18 -6.23 4.03 -0.40
C SER A 18 -4.73 4.42 -0.59
N ALA A 19 -3.81 3.42 -0.59
CA ALA A 19 -2.61 3.48 -1.46
C ALA A 19 -2.98 3.27 -2.94
N SER A 20 -2.07 3.76 -3.76
CA SER A 20 -2.22 3.77 -5.22
C SER A 20 -1.71 2.52 -6.01
N CYS A 21 -0.59 1.92 -5.59
CA CYS A 21 -0.28 0.47 -5.92
C CYS A 21 -1.37 -0.62 -5.57
N CYS A 22 -2.24 -0.29 -4.61
CA CYS A 22 -3.47 -0.99 -4.23
C CYS A 22 -4.70 -0.89 -5.19
N GLN A 23 -4.78 0.23 -5.91
CA GLN A 23 -5.68 0.45 -7.05
C GLN A 23 -5.45 -0.45 -8.31
N ARG A 24 -4.22 -0.88 -8.60
CA ARG A 24 -3.91 -2.00 -9.55
C ARG A 24 -4.69 -3.35 -9.38
N NH2 A 25 -5.22 -3.79 -8.23
HN1 NH2 A 25 -5.43 -3.14 -7.46
HN2 NH2 A 25 -5.59 -4.75 -8.34
N HIS A 1 1.66 4.41 9.55
CA HIS A 1 2.16 3.24 8.79
C HIS A 1 3.56 3.45 8.16
N HYP A 2 4.34 2.34 7.95
CA HYP A 2 5.53 2.29 7.05
C HYP A 2 5.26 2.75 5.57
O HYP A 2 4.13 3.19 5.28
CB HYP A 2 5.86 0.78 7.13
CG HYP A 2 5.24 0.25 8.41
CD HYP A 2 3.95 0.97 8.32
OD1 HYP A 2 6.00 0.55 9.58
HA HYP A 2 6.33 2.88 7.48
HB2 HYP A 2 5.30 0.32 6.32
HB3 HYP A 2 6.91 0.47 7.03
HG HYP A 2 4.97 -0.81 8.38
HD22 HYP A 2 3.34 0.60 7.49
HD23 HYP A 2 3.32 0.75 9.18
HD1 HYP A 2 6.14 1.51 9.56
N HYP A 3 6.18 2.61 4.58
CA HYP A 3 5.80 2.75 3.14
C HYP A 3 4.77 1.68 2.71
O HYP A 3 5.05 0.48 2.86
CB HYP A 3 7.12 2.55 2.38
CG HYP A 3 8.22 2.78 3.43
CD HYP A 3 7.61 2.32 4.78
OD1 HYP A 3 8.55 4.17 3.48
HA HYP A 3 5.42 3.76 2.98
HB2 HYP A 3 7.21 1.51 1.99
HB3 HYP A 3 7.13 3.21 1.50
HG HYP A 3 9.11 2.21 3.16
HD22 HYP A 3 7.75 1.24 4.97
HD23 HYP A 3 8.05 2.85 5.63
HD1 HYP A 3 8.87 4.39 2.61
N CYS A 4 3.60 2.10 2.20
CA CYS A 4 2.61 1.10 1.77
C CYS A 4 2.84 0.50 0.36
N CYS A 5 3.58 1.18 -0.56
CA CYS A 5 4.14 0.50 -1.71
C CYS A 5 5.63 0.31 -1.37
N LEU A 6 5.89 -0.90 -0.86
CA LEU A 6 7.22 -1.36 -0.57
C LEU A 6 7.48 -2.42 -1.64
N TYR A 7 8.64 -2.24 -2.24
CA TYR A 7 9.08 -2.98 -3.44
C TYR A 7 8.22 -2.72 -4.74
N GLY A 8 7.56 -1.56 -4.76
CA GLY A 8 6.37 -1.25 -5.55
C GLY A 8 4.96 -1.68 -5.11
N LYS A 9 4.82 -2.67 -4.22
CA LYS A 9 3.65 -3.54 -4.16
C LYS A 9 2.92 -3.39 -2.81
N CYS A 10 1.66 -3.76 -2.95
CA CYS A 10 0.55 -3.26 -2.11
C CYS A 10 0.38 -4.08 -0.82
N ARG A 11 0.84 -3.43 0.26
CA ARG A 11 0.92 -4.01 1.59
C ARG A 11 -0.37 -3.72 2.39
N ARG A 12 -0.70 -4.70 3.24
CA ARG A 12 -1.89 -4.66 4.13
C ARG A 12 -1.57 -4.07 5.54
N TYR A 13 -1.17 -2.79 5.54
CA TYR A 13 -1.07 -1.94 6.75
C TYR A 13 -2.40 -1.12 6.97
N HYP A 14 -2.66 -0.50 8.16
CA HYP A 14 -4.01 -0.04 8.53
C HYP A 14 -4.38 1.31 7.84
O HYP A 14 -3.87 2.38 8.21
CB HYP A 14 -4.02 0.03 10.06
CG HYP A 14 -2.57 0.06 10.47
CD HYP A 14 -1.82 -0.64 9.36
OD1 HYP A 14 -2.33 -0.51 11.75
HA HYP A 14 -4.71 -0.85 8.25
HB2 HYP A 14 -4.61 0.91 10.40
HB3 HYP A 14 -4.48 -0.83 10.55
HG HYP A 14 -2.21 1.09 10.44
HD22 HYP A 14 -0.81 -0.23 9.31
HD23 HYP A 14 -1.69 -1.69 9.54
HD1 HYP A 14 -2.83 0.02 12.38
N GLY A 15 -5.25 1.20 6.84
CA GLY A 15 -5.68 2.35 6.01
C GLY A 15 -4.96 2.57 4.65
N CYS A 16 -4.34 1.51 4.08
CA CYS A 16 -3.75 1.49 2.73
C CYS A 16 -4.59 0.75 1.63
N SER A 17 -5.86 0.41 1.89
CA SER A 17 -6.92 0.38 0.83
C SER A 17 -7.06 1.68 -0.06
N SER A 18 -6.51 2.83 0.38
CA SER A 18 -6.23 4.03 -0.45
C SER A 18 -4.73 4.40 -0.61
N ALA A 19 -3.81 3.42 -0.59
CA ALA A 19 -2.61 3.46 -1.43
C ALA A 19 -2.96 3.23 -2.92
N SER A 20 -2.05 3.72 -3.74
CA SER A 20 -2.19 3.72 -5.20
C SER A 20 -1.67 2.49 -5.98
N CYS A 21 -0.55 1.87 -5.57
CA CYS A 21 -0.25 0.43 -5.89
C CYS A 21 -1.34 -0.66 -5.56
N CYS A 22 -2.21 -0.33 -4.59
CA CYS A 22 -3.46 -1.03 -4.22
C CYS A 22 -4.67 -0.92 -5.18
N GLN A 23 -4.74 0.19 -5.90
CA GLN A 23 -5.63 0.42 -7.05
C GLN A 23 -5.40 -0.48 -8.31
N ARG A 24 -4.16 -0.92 -8.58
CA ARG A 24 -3.84 -2.04 -9.53
C ARG A 24 -4.63 -3.40 -9.35
N NH2 A 25 -5.16 -3.84 -8.21
HN1 NH2 A 25 -5.36 -3.18 -7.43
HN2 NH2 A 25 -5.52 -4.80 -8.31
N HIS A 1 2.01 3.83 9.61
CA HIS A 1 2.53 2.87 8.59
C HIS A 1 3.91 3.28 8.01
N HYP A 2 4.72 2.28 7.55
CA HYP A 2 5.83 2.49 6.58
C HYP A 2 5.44 3.29 5.27
O HYP A 2 4.34 3.82 5.18
CB HYP A 2 6.18 1.00 6.25
CG HYP A 2 5.68 0.15 7.39
CD HYP A 2 4.39 0.84 7.62
OD1 HYP A 2 6.54 0.15 8.52
HA HYP A 2 6.65 2.98 7.08
HB2 HYP A 2 5.56 0.74 5.39
HB3 HYP A 2 7.23 0.75 6.00
HG HYP A 2 5.40 -0.87 7.11
HD22 HYP A 2 3.71 0.64 6.79
HD23 HYP A 2 3.89 0.42 8.49
HD1 HYP A 2 6.68 1.08 8.74
N HYP A 3 6.23 3.27 4.16
CA HYP A 3 5.67 3.35 2.80
C HYP A 3 4.67 2.21 2.51
O HYP A 3 5.04 1.05 2.75
CB HYP A 3 6.90 3.22 1.89
CG HYP A 3 8.09 3.60 2.79
CD HYP A 3 7.69 3.08 4.19
OD1 HYP A 3 8.25 5.02 2.81
HA HYP A 3 5.20 4.34 2.65
HB2 HYP A 3 7.02 2.18 1.54
HB3 HYP A 3 6.77 3.82 0.97
HG HYP A 3 9.01 3.15 2.42
HD22 HYP A 3 7.96 2.01 4.35
HD23 HYP A 3 8.15 3.64 5.03
HD1 HYP A 3 8.98 5.19 3.41
N CYS A 4 3.44 2.51 2.06
CA CYS A 4 2.52 1.39 1.75
C CYS A 4 2.87 0.62 0.46
N CYS A 5 3.36 1.27 -0.62
CA CYS A 5 3.96 0.51 -1.72
C CYS A 5 5.44 0.33 -1.37
N LEU A 6 5.68 -0.75 -0.63
CA LEU A 6 7.00 -1.10 -0.16
C LEU A 6 7.39 -2.26 -1.07
N TYR A 7 8.58 -2.09 -1.62
CA TYR A 7 9.10 -2.93 -2.72
C TYR A 7 8.26 -2.91 -4.06
N GLY A 8 7.54 -1.79 -4.24
CA GLY A 8 6.41 -1.61 -5.14
C GLY A 8 4.97 -1.97 -4.73
N LYS A 9 4.75 -2.90 -3.78
CA LYS A 9 3.52 -3.72 -3.78
C LYS A 9 2.63 -3.38 -2.58
N CYS A 10 1.41 -3.84 -2.79
CA CYS A 10 0.19 -3.37 -2.12
C CYS A 10 -0.11 -4.16 -0.83
N ARG A 11 0.38 -3.56 0.25
CA ARG A 11 0.54 -4.27 1.53
C ARG A 11 -0.60 -3.92 2.51
N ARG A 12 -0.89 -4.91 3.34
CA ARG A 12 -1.97 -4.84 4.36
C ARG A 12 -1.55 -4.17 5.71
N TYR A 13 -1.06 -2.94 5.57
CA TYR A 13 -0.78 -2.02 6.66
C TYR A 13 -2.02 -1.09 6.93
N HYP A 14 -2.16 -0.40 8.10
CA HYP A 14 -3.47 0.14 8.54
C HYP A 14 -3.89 1.43 7.79
O HYP A 14 -3.32 2.52 8.00
CB HYP A 14 -3.32 0.35 10.06
CG HYP A 14 -1.82 0.34 10.31
CD HYP A 14 -1.23 -0.52 9.23
OD1 HYP A 14 -1.48 -0.12 11.62
HA HYP A 14 -4.21 -0.66 8.41
HB2 HYP A 14 -3.82 1.29 10.37
HB3 HYP A 14 -3.76 -0.44 10.66
HG HYP A 14 -1.42 1.33 10.14
HD22 HYP A 14 -0.20 -0.18 9.04
HD23 HYP A 14 -1.14 -1.56 9.47
HD1 HYP A 14 -0.52 -0.10 11.66
N GLY A 15 -4.88 1.28 6.92
CA GLY A 15 -5.38 2.38 6.04
C GLY A 15 -4.73 2.50 4.64
N CYS A 16 -4.24 1.40 4.06
CA CYS A 16 -3.69 1.30 2.70
C CYS A 16 -4.58 0.55 1.66
N SER A 17 -5.86 0.26 1.98
CA SER A 17 -6.96 0.22 0.96
C SER A 17 -7.07 1.47 0.01
N SER A 18 -6.55 2.64 0.44
CA SER A 18 -6.29 3.83 -0.40
C SER A 18 -4.79 4.18 -0.65
N ALA A 19 -3.88 3.18 -0.65
CA ALA A 19 -2.68 3.20 -1.50
C ALA A 19 -3.06 3.04 -2.99
N SER A 20 -2.14 3.53 -3.80
CA SER A 20 -2.29 3.56 -5.26
C SER A 20 -1.81 2.32 -6.06
N CYS A 21 -0.70 1.67 -5.65
CA CYS A 21 -0.42 0.23 -5.99
C CYS A 21 -1.54 -0.84 -5.67
N CYS A 22 -2.41 -0.50 -4.71
CA CYS A 22 -3.68 -1.17 -4.37
C CYS A 22 -4.88 -1.01 -5.35
N GLN A 23 -4.89 0.08 -6.10
CA GLN A 23 -5.84 0.39 -7.17
C GLN A 23 -5.64 -0.34 -8.55
N ARG A 24 -4.40 -0.61 -8.96
CA ARG A 24 -4.02 -0.82 -10.37
C ARG A 24 -2.69 -1.62 -10.39
N NH2 A 25 -2.28 -2.18 -11.50
HN1 NH2 A 25 -1.27 -2.23 -11.40
HN2 NH2 A 25 -2.86 -2.12 -12.38
N HIS A 1 1.72 4.60 9.47
CA HIS A 1 2.23 3.41 8.75
C HIS A 1 3.64 3.62 8.10
N HYP A 2 4.42 2.52 7.92
CA HYP A 2 5.60 2.46 7.00
C HYP A 2 5.31 2.90 5.52
O HYP A 2 4.20 3.35 5.24
CB HYP A 2 5.94 0.95 7.12
CG HYP A 2 5.33 0.43 8.40
CD HYP A 2 4.03 1.15 8.31
OD1 HYP A 2 6.10 0.77 9.56
HA HYP A 2 6.40 3.05 7.41
HB2 HYP A 2 5.37 0.46 6.31
HB3 HYP A 2 7.00 0.63 7.00
HG HYP A 2 5.07 -0.62 8.40
HD22 HYP A 2 3.43 0.76 7.48
HD23 HYP A 2 3.41 0.95 9.18
HD1 HYP A 2 5.57 0.50 10.31
N HYP A 3 6.22 2.73 4.51
CA HYP A 3 5.81 2.81 3.08
C HYP A 3 4.76 1.74 2.71
O HYP A 3 5.05 0.55 2.91
CB HYP A 3 7.11 2.58 2.31
CG HYP A 3 8.23 2.84 3.32
CD HYP A 3 7.64 2.43 4.69
OD1 HYP A 3 8.56 4.23 3.33
HA HYP A 3 5.44 3.83 2.89
HB2 HYP A 3 7.17 1.54 1.94
HB3 HYP A 3 7.11 3.21 1.40
HG HYP A 3 9.12 2.26 3.05
HD22 HYP A 3 7.79 1.34 4.92
HD23 HYP A 3 8.11 2.98 5.53
HD1 HYP A 3 9.25 4.33 3.99
N CYS A 4 3.59 2.15 2.22
CA CYS A 4 2.59 1.13 1.82
C CYS A 4 2.88 0.44 0.47
N CYS A 5 3.52 1.10 -0.51
CA CYS A 5 4.05 0.40 -1.68
C CYS A 5 5.54 0.21 -1.38
N LEU A 6 5.82 -0.97 -0.83
CA LEU A 6 7.16 -1.41 -0.56
C LEU A 6 7.42 -2.48 -1.60
N TYR A 7 8.58 -2.29 -2.22
CA TYR A 7 9.01 -3.04 -3.41
C TYR A 7 8.14 -2.80 -4.71
N GLY A 8 7.45 -1.65 -4.73
CA GLY A 8 6.27 -1.36 -5.53
C GLY A 8 4.86 -1.80 -5.08
N LYS A 9 4.73 -2.78 -4.17
CA LYS A 9 3.57 -3.66 -4.10
C LYS A 9 2.84 -3.48 -2.75
N CYS A 10 1.57 -3.81 -2.90
CA CYS A 10 0.48 -3.35 -2.03
C CYS A 10 0.33 -4.25 -0.79
N ARG A 11 0.87 -3.73 0.31
CA ARG A 11 0.92 -4.42 1.60
C ARG A 11 -0.13 -3.82 2.57
N ARG A 12 -0.61 -4.74 3.42
CA ARG A 12 -1.83 -4.56 4.22
C ARG A 12 -1.60 -3.93 5.62
N TYR A 13 -1.09 -2.70 5.61
CA TYR A 13 -0.97 -1.82 6.78
C TYR A 13 -2.28 -0.98 7.00
N HYP A 14 -2.55 -0.37 8.20
CA HYP A 14 -3.91 0.04 8.57
C HYP A 14 -4.34 1.36 7.88
O HYP A 14 -3.88 2.46 8.23
CB HYP A 14 -3.91 0.13 10.11
CG HYP A 14 -2.44 0.21 10.49
CD HYP A 14 -1.69 -0.50 9.39
OD1 HYP A 14 -2.18 -0.35 11.78
HA HYP A 14 -4.57 -0.81 8.30
HB2 HYP A 14 -4.51 1.00 10.44
HB3 HYP A 14 -4.35 -0.74 10.61
HG HYP A 14 -2.11 1.23 10.44
HD22 HYP A 14 -0.69 -0.07 9.32
HD23 HYP A 14 -1.54 -1.55 9.57
HD1 HYP A 14 -1.23 -0.27 11.91
N GLY A 15 -5.20 1.20 6.87
CA GLY A 15 -5.67 2.32 6.02
C GLY A 15 -4.97 2.52 4.64
N CYS A 16 -4.31 1.48 4.09
CA CYS A 16 -3.73 1.44 2.74
C CYS A 16 -4.58 0.68 1.66
N SER A 17 -5.84 0.33 1.94
CA SER A 17 -6.92 0.29 0.90
C SER A 17 -7.08 1.57 0.00
N SER A 18 -6.56 2.74 0.45
CA SER A 18 -6.31 3.93 -0.38
C SER A 18 -4.82 4.33 -0.60
N ALA A 19 -3.88 3.35 -0.59
CA ALA A 19 -2.69 3.39 -1.46
C ALA A 19 -3.07 3.16 -2.94
N SER A 20 -2.17 3.63 -3.77
CA SER A 20 -2.32 3.61 -5.23
C SER A 20 -1.80 2.36 -6.00
N CYS A 21 -0.67 1.76 -5.57
CA CYS A 21 -0.37 0.32 -5.87
C CYS A 21 -1.45 -0.77 -5.51
N CYS A 22 -2.32 -0.42 -4.55
CA CYS A 22 -3.56 -1.13 -4.16
C CYS A 22 -4.76 -1.05 -5.15
N GLN A 23 -4.83 0.02 -5.93
CA GLN A 23 -5.78 0.25 -7.02
C GLN A 23 -5.58 -0.54 -8.36
N ARG A 24 -4.33 -0.78 -8.76
CA ARG A 24 -3.95 -1.05 -10.17
C ARG A 24 -2.61 -1.83 -10.15
N NH2 A 25 -2.21 -2.45 -11.23
HN1 NH2 A 25 -1.19 -2.44 -11.14
HN2 NH2 A 25 -2.79 -2.47 -12.10
N HIS A 1 1.67 4.48 9.53
CA HIS A 1 2.18 3.31 8.79
C HIS A 1 3.58 3.52 8.17
N HYP A 2 4.38 2.42 7.98
CA HYP A 2 5.57 2.37 7.08
C HYP A 2 5.30 2.84 5.59
O HYP A 2 4.18 3.28 5.30
CB HYP A 2 5.91 0.87 7.17
CG HYP A 2 5.28 0.33 8.44
CD HYP A 2 3.98 1.05 8.34
OD1 HYP A 2 6.04 0.66 9.61
HA HYP A 2 6.37 2.97 7.49
HB2 HYP A 2 5.34 0.39 6.36
HB3 HYP A 2 6.97 0.56 7.06
HG HYP A 2 5.02 -0.72 8.43
HD22 HYP A 2 3.36 0.84 9.21
HD23 HYP A 2 3.39 0.67 7.51
HD1 HYP A 2 6.17 1.61 9.59
N HYP A 3 6.21 2.68 4.59
CA HYP A 3 5.82 2.79 3.16
C HYP A 3 4.78 1.73 2.75
O HYP A 3 5.05 0.52 2.93
CB HYP A 3 7.13 2.57 2.40
CG HYP A 3 8.24 2.81 3.43
CD HYP A 3 7.64 2.37 4.78
OD1 HYP A 3 8.58 4.19 3.46
HA HYP A 3 5.45 3.81 2.98
HB2 HYP A 3 7.20 1.52 2.02
HB3 HYP A 3 7.15 3.21 1.50
HG HYP A 3 9.14 2.23 3.16
HD22 HYP A 3 7.78 1.29 5.00
HD23 HYP A 3 8.10 2.92 5.64
HD1 HYP A 3 9.26 4.28 4.13
N CYS A 4 3.61 2.14 2.25
CA CYS A 4 2.61 1.14 1.83
C CYS A 4 2.90 0.47 0.47
N CYS A 5 3.57 1.15 -0.50
CA CYS A 5 4.10 0.45 -1.65
C CYS A 5 5.59 0.26 -1.35
N LEU A 6 5.86 -0.92 -0.80
CA LEU A 6 7.19 -1.38 -0.52
C LEU A 6 7.46 -2.43 -1.59
N TYR A 7 8.62 -2.24 -2.18
CA TYR A 7 9.06 -2.97 -3.38
C TYR A 7 8.22 -2.72 -4.69
N GLY A 8 7.55 -1.55 -4.69
CA GLY A 8 6.37 -1.24 -5.51
C GLY A 8 4.96 -1.68 -5.09
N LYS A 9 4.82 -2.67 -4.20
CA LYS A 9 3.64 -3.55 -4.17
C LYS A 9 2.91 -3.41 -2.82
N CYS A 10 1.65 -3.75 -2.98
CA CYS A 10 0.55 -3.29 -2.12
C CYS A 10 0.37 -4.21 -0.90
N ARG A 11 0.90 -3.71 0.22
CA ARG A 11 0.91 -4.41 1.50
C ARG A 11 -0.17 -3.80 2.44
N ARG A 12 -0.77 -4.70 3.21
CA ARG A 12 -2.00 -4.45 4.00
C ARG A 12 -1.73 -3.92 5.44
N TYR A 13 -1.10 -2.75 5.49
CA TYR A 13 -1.01 -1.90 6.69
C TYR A 13 -2.31 -1.07 6.93
N HYP A 14 -2.59 -0.48 8.14
CA HYP A 14 -3.97 -0.07 8.50
C HYP A 14 -4.38 1.27 7.84
O HYP A 14 -3.93 2.35 8.22
CB HYP A 14 -3.98 -0.02 10.04
CG HYP A 14 -2.52 0.03 10.45
CD HYP A 14 -1.76 -0.65 9.34
OD1 HYP A 14 -2.27 -0.56 11.72
HA HYP A 14 -4.62 -0.91 8.21
HB2 HYP A 14 -4.57 0.84 10.39
HB3 HYP A 14 -4.42 -0.91 10.51
HG HYP A 14 -2.18 1.06 10.43
HD22 HYP A 14 -0.75 -0.23 9.29
HD23 HYP A 14 -1.61 -1.71 9.49
HD1 HYP A 14 -1.33 -0.49 11.87
N GLY A 15 -5.23 1.14 6.82
CA GLY A 15 -5.69 2.27 5.99
C GLY A 15 -4.98 2.50 4.62
N CYS A 16 -4.31 1.48 4.07
CA CYS A 16 -3.73 1.47 2.72
C CYS A 16 -4.55 0.74 1.61
N SER A 17 -5.83 0.37 1.87
CA SER A 17 -6.89 0.37 0.82
C SER A 17 -7.03 1.67 -0.06
N SER A 18 -6.50 2.82 0.40
CA SER A 18 -6.23 4.03 -0.42
C SER A 18 -4.73 4.41 -0.60
N ALA A 19 -3.81 3.42 -0.59
CA ALA A 19 -2.61 3.47 -1.45
C ALA A 19 -2.98 3.25 -2.94
N SER A 20 -2.07 3.74 -3.76
CA SER A 20 -2.21 3.75 -5.21
C SER A 20 -1.70 2.51 -6.00
N CYS A 21 -0.58 1.89 -5.58
CA CYS A 21 -0.28 0.46 -5.91
C CYS A 21 -1.36 -0.64 -5.57
N CYS A 22 -2.23 -0.31 -4.60
CA CYS A 22 -3.48 -1.02 -4.23
C CYS A 22 -4.69 -0.90 -5.19
N GLN A 23 -4.78 0.21 -5.91
CA GLN A 23 -5.67 0.44 -7.05
C GLN A 23 -5.45 -0.46 -8.31
N ARG A 24 -4.21 -0.91 -8.60
CA ARG A 24 -3.90 -2.02 -9.54
C ARG A 24 -4.70 -3.37 -9.37
N NH2 A 25 -5.22 -3.81 -8.23
HN1 NH2 A 25 -5.43 -3.15 -7.45
HN2 NH2 A 25 -5.59 -4.76 -8.33
N HIS A 1 1.70 4.49 9.51
CA HIS A 1 2.20 3.31 8.76
C HIS A 1 3.60 3.52 8.12
N HYP A 2 4.38 2.41 7.92
CA HYP A 2 5.56 2.36 7.01
C HYP A 2 5.28 2.81 5.53
O HYP A 2 4.16 3.24 5.24
CB HYP A 2 5.89 0.85 7.10
CG HYP A 2 5.28 0.32 8.39
CD HYP A 2 3.99 1.04 8.30
OD1 HYP A 2 6.05 0.65 9.55
HA HYP A 2 6.37 2.95 7.43
HB2 HYP A 2 5.32 0.38 6.30
HB3 HYP A 2 6.95 0.54 7.00
HG HYP A 2 5.02 -0.72 8.38
HD22 HYP A 2 3.38 0.68 7.48
HD23 HYP A 2 3.37 0.84 9.17
HD1 HYP A 2 6.87 0.15 9.47
N HYP A 3 6.18 2.66 4.52
CA HYP A 3 5.79 2.77 3.10
C HYP A 3 4.77 1.69 2.68
O HYP A 3 5.06 0.50 2.84
CB HYP A 3 7.11 2.57 2.33
CG HYP A 3 8.21 2.81 3.36
CD HYP A 3 7.62 2.37 4.72
OD1 HYP A 3 8.55 4.20 3.40
HA HYP A 3 5.41 3.79 2.93
HB2 HYP A 3 7.20 1.53 1.95
HB3 HYP A 3 7.12 3.22 1.44
HG HYP A 3 9.12 2.25 3.09
HD22 HYP A 3 7.77 1.29 4.92
HD23 HYP A 3 8.07 2.92 5.56
HD1 HYP A 3 9.23 4.29 4.07
N CYS A 4 3.59 2.11 2.18
CA CYS A 4 2.60 1.10 1.77
C CYS A 4 2.82 0.49 0.36
N CYS A 5 3.55 1.16 -0.56
CA CYS A 5 4.11 0.47 -1.71
C CYS A 5 5.60 0.28 -1.39
N LEU A 6 5.88 -0.92 -0.86
CA LEU A 6 7.21 -1.38 -0.58
C LEU A 6 7.46 -2.45 -1.64
N TYR A 7 8.61 -2.27 -2.25
CA TYR A 7 9.05 -3.03 -3.44
C TYR A 7 8.16 -2.79 -4.74
N GLY A 8 7.50 -1.62 -4.77
CA GLY A 8 6.31 -1.32 -5.55
C GLY A 8 4.90 -1.75 -5.10
N LYS A 9 4.77 -2.72 -4.19
CA LYS A 9 3.59 -3.60 -4.11
C LYS A 9 2.88 -3.43 -2.76
N CYS A 10 1.62 -3.80 -2.87
CA CYS A 10 0.52 -3.31 -2.03
C CYS A 10 0.36 -4.10 -0.73
N ARG A 11 0.82 -3.44 0.34
CA ARG A 11 0.93 -4.01 1.67
C ARG A 11 -0.36 -3.72 2.49
N ARG A 12 -0.66 -4.69 3.35
CA ARG A 12 -1.84 -4.67 4.26
C ARG A 12 -1.55 -4.05 5.66
N TYR A 13 -1.12 -2.78 5.64
CA TYR A 13 -1.03 -1.90 6.82
C TYR A 13 -2.35 -1.07 7.04
N HYP A 14 -2.61 -0.42 8.21
CA HYP A 14 -3.96 0.03 8.58
C HYP A 14 -4.35 1.36 7.86
O HYP A 14 -3.85 2.44 8.20
CB HYP A 14 -3.96 0.15 10.11
CG HYP A 14 -2.49 0.20 10.50
CD HYP A 14 -1.76 -0.54 9.41
OD1 HYP A 14 -2.24 -0.35 11.80
HA HYP A 14 -4.66 -0.79 8.33
HB2 HYP A 14 -4.54 1.03 10.44
HB3 HYP A 14 -4.41 -0.71 10.64
HG HYP A 14 -2.15 1.22 10.44
HD22 HYP A 14 -0.75 -0.12 9.34
HD23 HYP A 14 -1.62 -1.58 9.61
HD1 HYP A 14 -2.55 -1.26 11.76
N GLY A 15 -5.24 1.22 6.88
CA GLY A 15 -5.69 2.36 6.03
C GLY A 15 -4.99 2.55 4.66
N CYS A 16 -4.34 1.51 4.12
CA CYS A 16 -3.75 1.47 2.77
C CYS A 16 -4.60 0.71 1.68
N SER A 17 -5.86 0.36 1.96
CA SER A 17 -6.93 0.34 0.91
C SER A 17 -7.08 1.62 0.01
N SER A 18 -6.54 2.77 0.44
CA SER A 18 -6.26 3.96 -0.39
C SER A 18 -4.77 4.35 -0.59
N ALA A 19 -3.85 3.37 -0.57
CA ALA A 19 -2.64 3.40 -1.42
C ALA A 19 -3.02 3.16 -2.91
N SER A 20 -2.11 3.64 -3.75
CA SER A 20 -2.26 3.63 -5.20
C SER A 20 -1.74 2.38 -5.97
N CYS A 21 -0.62 1.79 -5.55
CA CYS A 21 -0.30 0.34 -5.85
C CYS A 21 -1.38 -0.75 -5.49
N CYS A 22 -2.25 -0.42 -4.54
CA CYS A 22 -3.50 -1.12 -4.16
C CYS A 22 -4.70 -1.03 -5.14
N GLN A 23 -4.74 0.03 -5.94
CA GLN A 23 -5.70 0.26 -7.01
C GLN A 23 -5.51 -0.53 -8.35
N ARG A 24 -4.27 -0.76 -8.79
CA ARG A 24 -3.96 -1.21 -10.19
C ARG A 24 -3.42 -2.68 -10.19
N NH2 A 25 -4.24 -3.73 -10.07
HN1 NH2 A 25 -5.16 -3.55 -9.63
HN2 NH2 A 25 -3.80 -4.65 -10.26
N HIS A 1 1.80 4.19 9.62
CA HIS A 1 2.34 3.12 8.75
C HIS A 1 3.72 3.45 8.12
N HYP A 2 4.55 2.42 7.80
CA HYP A 2 5.69 2.50 6.84
C HYP A 2 5.35 3.09 5.43
O HYP A 2 4.21 3.53 5.22
CB HYP A 2 6.08 1.00 6.76
CG HYP A 2 5.53 0.30 7.98
CD HYP A 2 4.22 1.00 8.04
OD1 HYP A 2 6.34 0.49 9.15
HA HYP A 2 6.48 3.08 7.31
HB2 HYP A 2 5.50 0.61 5.92
HB3 HYP A 2 7.15 0.74 6.59
HG HYP A 2 5.28 -0.75 7.85
HD22 HYP A 2 3.59 0.69 7.21
HD23 HYP A 2 3.66 0.67 8.91
HD1 HYP A 2 6.45 1.45 9.24
N HYP A 3 6.21 3.02 4.38
CA HYP A 3 5.76 3.12 2.97
C HYP A 3 4.76 2.01 2.60
O HYP A 3 5.08 0.82 2.80
CB HYP A 3 7.04 2.96 2.15
CG HYP A 3 8.17 3.30 3.12
CD HYP A 3 7.67 2.82 4.50
OD1 HYP A 3 8.40 4.71 3.14
HA HYP A 3 5.33 4.12 2.81
HB2 HYP A 3 7.16 1.91 1.80
HB3 HYP A 3 6.98 3.58 1.24
HG HYP A 3 9.10 2.81 2.82
HD22 HYP A 3 7.90 1.75 4.70
HD23 HYP A 3 8.11 3.40 5.35
HD1 HYP A 3 7.56 5.10 3.39
N CYS A 4 3.55 2.35 2.11
CA CYS A 4 2.59 1.30 1.75
C CYS A 4 2.84 0.62 0.40
N CYS A 5 3.48 1.27 -0.61
CA CYS A 5 4.04 0.52 -1.73
C CYS A 5 5.52 0.34 -1.38
N LEU A 6 5.78 -0.78 -0.71
CA LEU A 6 7.12 -1.20 -0.36
C LEU A 6 7.40 -2.32 -1.35
N TYR A 7 8.58 -2.21 -1.91
CA TYR A 7 9.04 -3.06 -3.04
C TYR A 7 8.21 -2.90 -4.38
N GLY A 8 7.55 -1.75 -4.49
CA GLY A 8 6.40 -1.47 -5.35
C GLY A 8 4.98 -1.82 -4.93
N LYS A 9 4.75 -2.78 -4.02
CA LYS A 9 3.52 -3.58 -4.04
C LYS A 9 2.72 -3.35 -2.75
N CYS A 10 1.51 -3.84 -2.88
CA CYS A 10 0.37 -3.45 -2.04
C CYS A 10 0.20 -4.39 -0.85
N ARG A 11 0.85 -3.97 0.23
CA ARG A 11 0.73 -4.59 1.56
C ARG A 11 -0.42 -3.89 2.33
N ARG A 12 -1.09 -4.72 3.13
CA ARG A 12 -2.26 -4.32 3.94
C ARG A 12 -1.85 -3.88 5.38
N TYR A 13 -1.10 -2.76 5.43
CA TYR A 13 -0.88 -1.94 6.63
C TYR A 13 -2.12 -1.03 6.91
N HYP A 14 -2.31 -0.44 8.13
CA HYP A 14 -3.66 0.02 8.57
C HYP A 14 -4.08 1.35 7.91
O HYP A 14 -3.58 2.43 8.23
CB HYP A 14 -3.58 0.11 10.10
CG HYP A 14 -2.09 0.09 10.42
CD HYP A 14 -1.43 -0.65 9.29
OD1 HYP A 14 -1.80 -0.49 11.70
HA HYP A 14 -4.35 -0.80 8.33
HB2 HYP A 14 -4.10 1.00 10.46
HB3 HYP A 14 -4.03 -0.75 10.62
HG HYP A 14 -1.70 1.10 10.36
HD22 HYP A 14 -0.40 -0.28 9.18
HD23 HYP A 14 -1.33 -1.70 9.45
HD1 HYP A 14 -2.24 0.07 12.34
N GLY A 15 -5.01 1.22 6.96
CA GLY A 15 -5.47 2.36 6.12
C GLY A 15 -4.79 2.55 4.74
N CYS A 16 -4.28 1.47 4.12
CA CYS A 16 -3.71 1.42 2.77
C CYS A 16 -4.56 0.66 1.70
N SER A 17 -5.83 0.32 1.99
CA SER A 17 -6.91 0.27 0.95
C SER A 17 -7.06 1.55 0.03
N SER A 18 -6.54 2.72 0.46
CA SER A 18 -6.28 3.90 -0.38
C SER A 18 -4.78 4.28 -0.61
N ALA A 19 -3.87 3.30 -0.59
CA ALA A 19 -2.67 3.33 -1.45
C ALA A 19 -3.05 3.09 -2.94
N SER A 20 -2.15 3.58 -3.77
CA SER A 20 -2.30 3.57 -5.22
C SER A 20 -1.79 2.32 -6.01
N CYS A 21 -0.67 1.71 -5.58
CA CYS A 21 -0.38 0.26 -5.89
C CYS A 21 -1.46 -0.82 -5.53
N CYS A 22 -2.34 -0.47 -4.57
CA CYS A 22 -3.59 -1.17 -4.20
C CYS A 22 -4.80 -1.06 -5.17
N GLN A 23 -4.84 0.01 -5.95
CA GLN A 23 -5.80 0.27 -7.02
C GLN A 23 -5.61 -0.52 -8.36
N ARG A 24 -4.35 -0.76 -8.80
CA ARG A 24 -4.04 -1.13 -10.20
C ARG A 24 -2.78 -2.00 -10.16
N NH2 A 25 -2.71 -3.04 -10.96
HN1 NH2 A 25 -1.79 -3.44 -10.77
HN2 NH2 A 25 -3.36 -3.20 -11.76
N HIS A 1 1.84 4.28 9.67
CA HIS A 1 2.29 3.14 8.85
C HIS A 1 3.69 3.34 8.20
N HYP A 2 4.44 2.22 7.93
CA HYP A 2 5.60 2.19 6.99
C HYP A 2 5.32 2.74 5.55
O HYP A 2 4.21 3.21 5.30
CB HYP A 2 5.89 0.67 6.99
CG HYP A 2 5.29 0.07 8.25
CD HYP A 2 4.02 0.85 8.24
OD1 HYP A 2 6.09 0.30 9.41
HA HYP A 2 6.43 2.73 7.45
HB2 HYP A 2 5.30 0.27 6.17
HB3 HYP A 2 6.93 0.33 6.84
HG HYP A 2 4.98 -0.97 8.17
HD22 HYP A 2 3.38 0.54 7.42
HD23 HYP A 2 3.43 0.62 9.12
HD1 HYP A 2 6.26 1.24 9.44
N HYP A 3 6.21 2.60 4.53
CA HYP A 3 5.80 2.73 3.11
C HYP A 3 4.75 1.68 2.70
O HYP A 3 5.02 0.48 2.87
CB HYP A 3 7.09 2.52 2.33
CG HYP A 3 8.22 2.76 3.34
CD HYP A 3 7.64 2.29 4.69
OD1 HYP A 3 8.55 4.14 3.39
HA HYP A 3 5.43 3.76 2.95
HB2 HYP A 3 7.17 1.49 1.92
HB3 HYP A 3 7.11 3.19 1.44
HG HYP A 3 9.12 2.20 3.05
HD22 HYP A 3 7.79 1.20 4.88
HD23 HYP A 3 8.10 2.82 5.55
HD1 HYP A 3 9.23 4.23 4.06
N CYS A 4 3.58 2.10 2.19
CA CYS A 4 2.59 1.10 1.75
C CYS A 4 2.86 0.48 0.36
N CYS A 5 3.52 1.18 -0.59
CA CYS A 5 4.07 0.52 -1.77
C CYS A 5 5.55 0.28 -1.46
N LEU A 6 5.78 -0.91 -0.89
CA LEU A 6 7.10 -1.39 -0.57
C LEU A 6 7.38 -2.43 -1.65
N TYR A 7 8.54 -2.22 -2.24
CA TYR A 7 9.01 -2.92 -3.45
C TYR A 7 8.14 -2.67 -4.76
N GLY A 8 7.47 -1.51 -4.76
CA GLY A 8 6.28 -1.22 -5.56
C GLY A 8 4.88 -1.67 -5.12
N LYS A 9 4.75 -2.67 -4.24
CA LYS A 9 3.58 -3.56 -4.19
C LYS A 9 2.90 -3.45 -2.80
N CYS A 10 1.65 -3.87 -2.89
CA CYS A 10 0.57 -3.37 -2.02
C CYS A 10 0.44 -4.16 -0.71
N ARG A 11 1.00 -3.52 0.32
CA ARG A 11 1.03 -3.98 1.69
C ARG A 11 -0.31 -3.66 2.41
N ARG A 12 -0.66 -4.58 3.32
CA ARG A 12 -1.93 -4.53 4.08
C ARG A 12 -1.72 -3.96 5.52
N TYR A 13 -1.26 -2.70 5.56
CA TYR A 13 -1.13 -1.87 6.78
C TYR A 13 -2.41 -1.01 7.02
N HYP A 14 -2.64 -0.38 8.21
CA HYP A 14 -3.98 0.11 8.59
C HYP A 14 -4.32 1.47 7.89
O HYP A 14 -3.79 2.54 8.24
CB HYP A 14 -3.96 0.22 10.13
CG HYP A 14 -2.49 0.20 10.50
CD HYP A 14 -1.79 -0.54 9.40
OD1 HYP A 14 -2.25 -0.38 11.79
HA HYP A 14 -4.69 -0.68 8.33
HB2 HYP A 14 -4.50 1.12 10.46
HB3 HYP A 14 -4.44 -0.63 10.63
HG HYP A 14 -2.10 1.21 10.46
HD22 HYP A 14 -0.76 -0.17 9.33
HD23 HYP A 14 -1.70 -1.60 9.59
HD1 HYP A 14 -2.73 0.18 12.42
N GLY A 15 -5.21 1.36 6.90
CA GLY A 15 -5.61 2.51 6.05
C GLY A 15 -4.91 2.69 4.67
N CYS A 16 -4.31 1.62 4.12
CA CYS A 16 -3.75 1.54 2.76
C CYS A 16 -4.61 0.78 1.70
N SER A 17 -5.87 0.44 2.00
CA SER A 17 -6.95 0.36 0.95
C SER A 17 -7.13 1.63 0.03
N SER A 18 -6.57 2.79 0.42
CA SER A 18 -6.32 3.95 -0.45
C SER A 18 -4.83 4.35 -0.65
N ALA A 19 -3.89 3.38 -0.61
CA ALA A 19 -2.70 3.42 -1.48
C ALA A 19 -3.08 3.13 -2.95
N SER A 20 -2.19 3.62 -3.81
CA SER A 20 -2.36 3.55 -5.26
C SER A 20 -1.82 2.30 -6.02
N CYS A 21 -0.67 1.74 -5.58
CA CYS A 21 -0.33 0.30 -5.84
C CYS A 21 -1.39 -0.80 -5.46
N CYS A 22 -2.26 -0.47 -4.50
CA CYS A 22 -3.48 -1.20 -4.10
C CYS A 22 -4.70 -1.16 -5.07
N GLN A 23 -4.79 -0.10 -5.87
CA GLN A 23 -5.74 0.08 -6.96
C GLN A 23 -5.51 -0.74 -8.27
N ARG A 24 -4.25 -0.94 -8.70
CA ARG A 24 -3.92 -1.35 -10.08
C ARG A 24 -2.64 -2.19 -10.01
N NH2 A 25 -2.53 -3.26 -10.77
HN1 NH2 A 25 -1.61 -3.63 -10.56
HN2 NH2 A 25 -3.19 -3.46 -11.57
N HIS A 1 1.85 4.29 9.64
CA HIS A 1 2.31 3.14 8.81
C HIS A 1 3.71 3.35 8.18
N HYP A 2 4.46 2.24 7.92
CA HYP A 2 5.62 2.21 6.97
C HYP A 2 5.34 2.75 5.53
O HYP A 2 4.22 3.25 5.29
CB HYP A 2 5.91 0.68 6.96
CG HYP A 2 5.31 0.08 8.21
CD HYP A 2 4.03 0.86 8.21
OD1 HYP A 2 6.10 0.29 9.38
HA HYP A 2 6.45 2.74 7.42
HB2 HYP A 2 5.32 0.29 6.13
HB3 HYP A 2 6.95 0.34 6.81
HG HYP A 2 4.99 -0.95 8.13
HD22 HYP A 2 3.40 0.56 7.38
HD23 HYP A 2 3.43 0.61 9.08
HD1 HYP A 2 5.58 -0.01 10.12
N HYP A 3 6.22 2.62 4.51
CA HYP A 3 5.79 2.75 3.09
C HYP A 3 4.75 1.69 2.69
O HYP A 3 5.01 0.49 2.86
CB HYP A 3 7.09 2.55 2.29
CG HYP A 3 8.22 2.79 3.30
CD HYP A 3 7.65 2.31 4.66
OD1 HYP A 3 8.54 4.18 3.35
HA HYP A 3 5.42 3.77 2.93
HB2 HYP A 3 7.16 1.51 1.90
HB3 HYP A 3 7.09 3.20 1.40
HG HYP A 3 9.12 2.22 3.00
HD22 HYP A 3 7.80 1.23 4.84
HD23 HYP A 3 8.11 2.83 5.51
HD1 HYP A 3 8.84 4.40 2.48
N CYS A 4 3.57 2.11 2.19
CA CYS A 4 2.58 1.11 1.75
C CYS A 4 2.85 0.48 0.36
N CYS A 5 3.51 1.19 -0.58
CA CYS A 5 4.04 0.51 -1.76
C CYS A 5 5.53 0.28 -1.45
N LEU A 6 5.76 -0.91 -0.89
CA LEU A 6 7.07 -1.39 -0.55
C LEU A 6 7.37 -2.44 -1.63
N TYR A 7 8.53 -2.21 -2.22
CA TYR A 7 9.00 -2.93 -3.42
C TYR A 7 8.15 -2.67 -4.73
N GLY A 8 7.47 -1.52 -4.74
CA GLY A 8 6.28 -1.23 -5.54
C GLY A 8 4.88 -1.68 -5.10
N LYS A 9 4.75 -2.68 -4.22
CA LYS A 9 3.58 -3.56 -4.17
C LYS A 9 2.90 -3.45 -2.79
N CYS A 10 1.64 -3.85 -2.88
CA CYS A 10 0.55 -3.37 -2.02
C CYS A 10 0.43 -4.16 -0.70
N ARG A 11 0.94 -3.50 0.34
CA ARG A 11 0.99 -3.99 1.71
C ARG A 11 -0.36 -3.72 2.43
N ARG A 12 -0.67 -4.65 3.32
CA ARG A 12 -1.87 -4.63 4.18
C ARG A 12 -1.65 -4.01 5.60
N TYR A 13 -1.21 -2.74 5.58
CA TYR A 13 -1.09 -1.89 6.77
C TYR A 13 -2.39 -1.02 7.01
N HYP A 14 -2.61 -0.37 8.20
CA HYP A 14 -3.94 0.13 8.57
C HYP A 14 -4.29 1.47 7.86
O HYP A 14 -3.76 2.54 8.18
CB HYP A 14 -3.91 0.26 10.11
CG HYP A 14 -2.44 0.25 10.48
CD HYP A 14 -1.74 -0.51 9.38
OD1 HYP A 14 -2.19 -0.29 11.77
HA HYP A 14 -4.66 -0.67 8.33
HB2 HYP A 14 -4.46 1.16 10.43
HB3 HYP A 14 -4.38 -0.59 10.64
HG HYP A 14 -2.06 1.26 10.41
HD22 HYP A 14 -0.73 -0.13 9.29
HD23 HYP A 14 -1.64 -1.55 9.58
HD1 HYP A 14 -2.67 0.27 12.38
N GLY A 15 -5.20 1.35 6.88
CA GLY A 15 -5.62 2.49 6.04
C GLY A 15 -4.93 2.67 4.65
N CYS A 16 -4.32 1.61 4.11
CA CYS A 16 -3.76 1.53 2.75
C CYS A 16 -4.62 0.77 1.69
N SER A 17 -5.89 0.43 1.98
CA SER A 17 -6.97 0.37 0.95
C SER A 17 -7.14 1.63 0.02
N SER A 18 -6.57 2.80 0.42
CA SER A 18 -6.32 3.96 -0.46
C SER A 18 -4.83 4.35 -0.65
N ALA A 19 -3.89 3.39 -0.62
CA ALA A 19 -2.70 3.42 -1.48
C ALA A 19 -3.08 3.14 -2.96
N SER A 20 -2.19 3.62 -3.81
CA SER A 20 -2.35 3.56 -5.26
C SER A 20 -1.82 2.31 -6.02
N CYS A 21 -0.68 1.75 -5.58
CA CYS A 21 -0.34 0.31 -5.85
C CYS A 21 -1.39 -0.79 -5.47
N CYS A 22 -2.26 -0.46 -4.51
CA CYS A 22 -3.49 -1.19 -4.11
C CYS A 22 -4.70 -1.15 -5.08
N GLN A 23 -4.79 -0.09 -5.89
CA GLN A 23 -5.73 0.09 -6.98
C GLN A 23 -5.51 -0.72 -8.29
N ARG A 24 -4.24 -0.92 -8.72
CA ARG A 24 -3.89 -1.29 -10.10
C ARG A 24 -2.63 -2.17 -10.03
N NH2 A 25 -2.53 -3.22 -10.82
HN1 NH2 A 25 -1.61 -3.59 -10.60
HN2 NH2 A 25 -3.17 -3.39 -11.61
N HIS A 1 1.78 4.55 9.57
CA HIS A 1 2.28 3.38 8.83
C HIS A 1 3.67 3.58 8.17
N HYP A 2 4.45 2.47 7.97
CA HYP A 2 5.62 2.41 7.06
C HYP A 2 5.35 2.86 5.58
O HYP A 2 4.22 3.32 5.30
CB HYP A 2 5.96 0.90 7.15
CG HYP A 2 5.36 0.38 8.44
CD HYP A 2 4.05 1.10 8.35
OD1 HYP A 2 6.12 0.70 9.60
HA HYP A 2 6.43 3.00 7.47
HB2 HYP A 2 5.38 0.43 6.34
HB3 HYP A 2 7.01 0.57 7.03
HG HYP A 2 5.08 -0.68 8.44
HD22 HYP A 2 3.45 0.72 7.54
HD23 HYP A 2 3.44 0.90 9.24
HD1 HYP A 2 5.60 0.43 10.35
N HYP A 3 6.24 2.70 4.56
CA HYP A 3 5.84 2.80 3.14
C HYP A 3 4.80 1.75 2.75
O HYP A 3 5.05 0.55 2.93
CB HYP A 3 7.15 2.57 2.36
CG HYP A 3 8.26 2.81 3.38
CD HYP A 3 7.67 2.38 4.74
OD1 HYP A 3 8.62 4.19 3.40
HA HYP A 3 5.48 3.83 2.95
HB2 HYP A 3 7.20 1.53 1.99
HB3 HYP A 3 7.16 3.20 1.46
HG HYP A 3 9.15 2.23 3.11
HD22 HYP A 3 7.80 1.30 4.96
HD23 HYP A 3 8.14 2.92 5.59
HD1 HYP A 3 7.82 4.66 3.63
N CYS A 4 3.62 2.18 2.24
CA CYS A 4 2.62 1.16 1.84
C CYS A 4 2.91 0.48 0.49
N CYS A 5 3.56 1.14 -0.49
CA CYS A 5 4.09 0.43 -1.65
C CYS A 5 5.58 0.23 -1.36
N LEU A 6 5.84 -0.94 -0.80
CA LEU A 6 7.18 -1.40 -0.52
C LEU A 6 7.42 -2.47 -1.58
N TYR A 7 8.59 -2.31 -2.18
CA TYR A 7 9.02 -3.05 -3.37
C TYR A 7 8.16 -2.80 -4.67
N GLY A 8 7.52 -1.63 -4.70
CA GLY A 8 6.32 -1.30 -5.50
C GLY A 8 4.91 -1.72 -5.06
N LYS A 9 4.77 -2.68 -4.14
CA LYS A 9 3.58 -3.55 -4.09
C LYS A 9 2.85 -3.40 -2.74
N CYS A 10 1.59 -3.78 -2.91
CA CYS A 10 0.48 -3.35 -2.07
C CYS A 10 0.31 -4.24 -0.84
N ARG A 11 0.89 -3.73 0.26
CA ARG A 11 0.91 -4.40 1.55
C ARG A 11 -0.11 -3.73 2.49
N ARG A 12 -0.80 -4.60 3.25
CA ARG A 12 -2.03 -4.23 3.98
C ARG A 12 -1.74 -3.79 5.45
N TYR A 13 -1.08 -2.64 5.55
CA TYR A 13 -0.99 -1.82 6.77
C TYR A 13 -2.28 -0.98 7.00
N HYP A 14 -2.56 -0.41 8.22
CA HYP A 14 -3.94 -0.02 8.59
C HYP A 14 -4.37 1.32 7.91
O HYP A 14 -3.94 2.42 8.29
CB HYP A 14 -3.94 0.06 10.12
CG HYP A 14 -2.48 0.10 10.53
CD HYP A 14 -1.73 -0.57 9.41
OD1 HYP A 14 -2.24 -0.49 11.79
HA HYP A 14 -4.59 -0.86 8.30
HB2 HYP A 14 -4.54 0.91 10.47
HB3 HYP A 14 -4.38 -0.83 10.60
HG HYP A 14 -2.14 1.13 10.51
HD22 HYP A 14 -0.72 -0.15 9.36
HD23 HYP A 14 -1.57 -1.62 9.57
HD1 HYP A 14 -1.28 -0.41 11.94
N GLY A 15 -5.20 1.15 6.88
CA GLY A 15 -5.68 2.28 6.03
C GLY A 15 -4.97 2.49 4.66
N CYS A 16 -4.30 1.46 4.11
CA CYS A 16 -3.72 1.44 2.76
C CYS A 16 -4.54 0.66 1.67
N SER A 17 -5.80 0.28 1.95
CA SER A 17 -6.88 0.26 0.90
C SER A 17 -7.05 1.54 0.01
N SER A 18 -6.52 2.71 0.46
CA SER A 18 -6.28 3.90 -0.36
C SER A 18 -4.79 4.30 -0.59
N ALA A 19 -3.86 3.33 -0.59
CA ALA A 19 -2.67 3.38 -1.44
C ALA A 19 -3.04 3.16 -2.93
N SER A 20 -2.14 3.64 -3.76
CA SER A 20 -2.28 3.62 -5.22
C SER A 20 -1.76 2.38 -5.99
N CYS A 21 -0.63 1.78 -5.56
CA CYS A 21 -0.32 0.34 -5.87
C CYS A 21 -1.41 -0.75 -5.52
N CYS A 22 -2.28 -0.42 -4.56
CA CYS A 22 -3.52 -1.13 -4.19
C CYS A 22 -4.73 -1.04 -5.17
N GLN A 23 -4.77 0.03 -5.96
CA GLN A 23 -5.75 0.28 -7.03
C GLN A 23 -5.58 -0.51 -8.36
N ARG A 24 -4.34 -0.76 -8.82
CA ARG A 24 -4.06 -1.20 -10.22
C ARG A 24 -3.50 -2.67 -10.24
N NH2 A 25 -4.30 -3.72 -10.09
HN1 NH2 A 25 -5.21 -3.56 -9.64
HN2 NH2 A 25 -3.85 -4.63 -10.30
N HIS A 1 1.99 4.27 9.75
CA HIS A 1 2.44 3.17 8.89
C HIS A 1 3.85 3.37 8.27
N HYP A 2 4.59 2.27 7.95
CA HYP A 2 5.74 2.27 7.00
C HYP A 2 5.45 2.90 5.59
O HYP A 2 4.38 3.47 5.39
CB HYP A 2 6.00 0.73 6.91
CG HYP A 2 5.40 0.10 8.15
CD HYP A 2 4.15 0.89 8.19
OD1 HYP A 2 6.22 0.24 9.30
HA HYP A 2 6.58 2.77 7.46
HB2 HYP A 2 5.39 0.40 6.07
HB3 HYP A 2 7.03 0.39 6.73
HG HYP A 2 5.08 -0.93 8.02
HD22 HYP A 2 3.50 0.62 7.36
HD23 HYP A 2 3.56 0.62 9.06
HD1 HYP A 2 6.40 1.18 9.38
N HYP A 3 6.30 2.73 4.54
CA HYP A 3 5.81 2.82 3.13
C HYP A 3 4.75 1.73 2.83
O HYP A 3 5.04 0.55 3.07
CB HYP A 3 7.07 2.59 2.30
CG HYP A 3 8.23 2.87 3.26
CD HYP A 3 7.73 2.41 4.64
OD1 HYP A 3 8.54 4.26 3.27
HA HYP A 3 5.41 3.83 2.96
HB2 HYP A 3 7.13 1.54 1.93
HB3 HYP A 3 7.03 3.22 1.39
HG HYP A 3 9.14 2.33 2.93
HD22 HYP A 3 7.88 1.33 4.84
HD23 HYP A 3 8.21 2.94 5.49
HD1 HYP A 3 9.25 4.38 3.90
N CYS A 4 3.56 2.11 2.34
CA CYS A 4 2.60 1.07 1.93
C CYS A 4 2.98 0.35 0.63
N CYS A 5 3.48 1.06 -0.42
CA CYS A 5 4.00 0.38 -1.59
C CYS A 5 5.51 0.23 -1.34
N LEU A 6 5.83 -0.96 -0.84
CA LEU A 6 7.18 -1.36 -0.54
C LEU A 6 7.48 -2.38 -1.63
N TYR A 7 8.61 -2.12 -2.24
CA TYR A 7 9.07 -2.78 -3.47
C TYR A 7 8.17 -2.58 -4.75
N GLY A 8 7.43 -1.46 -4.72
CA GLY A 8 6.22 -1.21 -5.51
C GLY A 8 4.84 -1.71 -5.07
N LYS A 9 4.75 -2.70 -4.18
CA LYS A 9 3.60 -3.63 -4.11
C LYS A 9 2.85 -3.49 -2.77
N CYS A 10 1.59 -3.88 -2.94
CA CYS A 10 0.46 -3.42 -2.11
C CYS A 10 0.25 -4.25 -0.84
N ARG A 11 0.77 -3.67 0.24
CA ARG A 11 0.73 -4.26 1.59
C ARG A 11 -0.52 -3.84 2.37
N ARG A 12 -0.64 -4.56 3.47
CA ARG A 12 -1.80 -4.61 4.34
C ARG A 12 -1.62 -3.90 5.71
N TYR A 13 -1.17 -2.64 5.66
CA TYR A 13 -1.04 -1.75 6.83
C TYR A 13 -2.32 -0.88 7.03
N HYP A 14 -2.56 -0.20 8.20
CA HYP A 14 -3.91 0.28 8.56
C HYP A 14 -4.30 1.57 7.79
O HYP A 14 -3.79 2.67 8.06
CB HYP A 14 -3.87 0.47 10.09
CG HYP A 14 -2.41 0.50 10.45
CD HYP A 14 -1.70 -0.31 9.39
OD1 HYP A 14 -2.15 0.01 11.76
HA HYP A 14 -4.61 -0.54 8.36
HB2 HYP A 14 -4.43 1.39 10.37
HB3 HYP A 14 -4.34 -0.35 10.66
HG HYP A 14 -2.03 1.50 10.35
HD22 HYP A 14 -0.69 0.07 9.28
HD23 HYP A 14 -1.59 -1.34 9.62
HD1 HYP A 14 -2.48 -0.89 11.78
N GLY A 15 -5.21 1.39 6.82
CA GLY A 15 -5.67 2.48 5.92
C GLY A 15 -4.98 2.61 4.54
N CYS A 16 -4.31 1.55 4.05
CA CYS A 16 -3.73 1.44 2.70
C CYS A 16 -4.58 0.66 1.65
N SER A 17 -5.84 0.31 1.95
CA SER A 17 -6.93 0.25 0.92
C SER A 17 -7.10 1.51 -0.02
N SER A 18 -6.59 2.69 0.40
CA SER A 18 -6.35 3.86 -0.45
C SER A 18 -4.85 4.26 -0.66
N ALA A 19 -3.91 3.29 -0.62
CA ALA A 19 -2.72 3.33 -1.48
C ALA A 19 -3.10 3.09 -2.97
N SER A 20 -2.21 3.58 -3.80
CA SER A 20 -2.35 3.56 -5.26
C SER A 20 -1.83 2.32 -6.03
N CYS A 21 -0.70 1.73 -5.60
CA CYS A 21 -0.38 0.29 -5.90
C CYS A 21 -1.45 -0.80 -5.56
N CYS A 22 -2.33 -0.49 -4.60
CA CYS A 22 -3.56 -1.20 -4.23
C CYS A 22 -4.78 -1.12 -5.20
N GLN A 23 -4.84 -0.04 -5.97
CA GLN A 23 -5.78 0.18 -7.06
C GLN A 23 -5.56 -0.60 -8.39
N ARG A 24 -4.30 -0.82 -8.83
CA ARG A 24 -3.97 -1.18 -10.22
C ARG A 24 -2.68 -2.01 -10.18
N NH2 A 25 -2.57 -3.05 -10.99
HN1 NH2 A 25 -1.63 -3.41 -10.79
HN2 NH2 A 25 -3.22 -3.22 -11.78
N HIS A 1 2.09 4.28 9.95
CA HIS A 1 2.52 3.13 9.12
C HIS A 1 3.92 3.29 8.48
N HYP A 2 4.64 2.17 8.20
CA HYP A 2 5.78 2.10 7.24
C HYP A 2 5.48 2.63 5.80
O HYP A 2 4.38 3.18 5.59
CB HYP A 2 6.05 0.57 7.27
CG HYP A 2 5.44 0.01 8.54
CD HYP A 2 4.18 0.80 8.51
OD1 HYP A 2 6.25 0.24 9.69
HA HYP A 2 6.63 2.63 7.66
HB2 HYP A 2 5.44 0.16 6.45
HB3 HYP A 2 7.09 0.21 7.11
HG HYP A 2 5.12 -1.02 8.48
HD22 HYP A 2 3.54 0.50 7.68
HD23 HYP A 2 3.56 0.58 9.38
HD1 HYP A 2 7.03 -0.30 9.57
N HYP A 3 6.32 2.46 4.74
CA HYP A 3 5.90 2.70 3.34
C HYP A 3 4.70 1.83 2.91
O HYP A 3 4.75 0.60 3.06
CB HYP A 3 7.15 2.38 2.52
CG HYP A 3 8.32 2.53 3.51
CD HYP A 3 7.75 2.08 4.87
OD1 HYP A 3 8.73 3.90 3.58
HA HYP A 3 5.67 3.77 3.23
HB2 HYP A 3 7.12 1.34 2.13
HB3 HYP A 3 7.21 3.02 1.62
HG HYP A 3 9.18 1.92 3.19
HD22 HYP A 3 7.83 0.98 5.04
HD23 HYP A 3 8.27 2.57 5.72
HD1 HYP A 3 7.95 4.39 3.84
N CYS A 4 3.61 2.44 2.41
CA CYS A 4 2.44 1.65 1.95
C CYS A 4 2.73 0.78 0.71
N CYS A 5 3.46 1.30 -0.30
CA CYS A 5 3.92 0.49 -1.41
C CYS A 5 5.41 0.23 -1.14
N LEU A 6 5.65 -0.97 -0.61
CA LEU A 6 6.99 -1.46 -0.36
C LEU A 6 7.24 -2.45 -1.49
N TYR A 7 8.41 -2.24 -2.07
CA TYR A 7 8.87 -2.91 -3.29
C TYR A 7 8.04 -2.57 -4.60
N GLY A 8 7.37 -1.42 -4.56
CA GLY A 8 6.21 -1.09 -5.39
C GLY A 8 4.80 -1.54 -5.00
N LYS A 9 4.62 -2.50 -4.08
CA LYS A 9 3.47 -3.40 -4.05
C LYS A 9 2.75 -3.31 -2.71
N CYS A 10 1.51 -3.73 -2.89
CA CYS A 10 0.38 -3.32 -2.03
C CYS A 10 0.20 -4.26 -0.84
N ARG A 11 0.68 -3.75 0.31
CA ARG A 11 0.71 -4.48 1.57
C ARG A 11 -0.26 -3.82 2.58
N ARG A 12 -0.78 -4.71 3.44
CA ARG A 12 -1.95 -4.48 4.28
C ARG A 12 -1.67 -3.89 5.69
N TYR A 13 -1.05 -2.71 5.69
CA TYR A 13 -0.96 -1.79 6.84
C TYR A 13 -2.24 -0.90 6.97
N HYP A 14 -2.55 -0.22 8.11
CA HYP A 14 -3.91 0.28 8.37
C HYP A 14 -4.24 1.57 7.55
O HYP A 14 -3.78 2.68 7.85
CB HYP A 14 -3.99 0.48 9.90
CG HYP A 14 -2.54 0.48 10.37
CD HYP A 14 -1.79 -0.33 9.36
OD1 HYP A 14 -2.40 -0.01 11.70
HA HYP A 14 -4.60 -0.56 8.12
HB2 HYP A 14 -4.53 1.41 10.13
HB3 HYP A 14 -4.51 -0.32 10.44
HG HYP A 14 -2.14 1.49 10.29
HD22 HYP A 14 -0.75 0.03 9.34
HD23 HYP A 14 -1.71 -1.38 9.61
HD1 HYP A 14 -2.90 0.58 12.26
N GLY A 15 -5.04 1.35 6.50
CA GLY A 15 -5.43 2.42 5.53
C GLY A 15 -4.60 2.57 4.22
N CYS A 16 -3.85 1.53 3.82
CA CYS A 16 -3.14 1.40 2.54
C CYS A 16 -3.90 0.63 1.42
N SER A 17 -5.11 0.09 1.67
CA SER A 17 -6.13 -0.14 0.60
C SER A 17 -6.54 1.12 -0.24
N SER A 18 -6.49 2.33 0.33
CA SER A 18 -6.54 3.63 -0.39
C SER A 18 -5.20 4.23 -0.91
N ALA A 19 -4.08 3.49 -0.81
CA ALA A 19 -2.91 3.70 -1.68
C ALA A 19 -3.18 3.30 -3.13
N SER A 20 -2.27 3.80 -3.96
CA SER A 20 -2.37 3.71 -5.40
C SER A 20 -1.79 2.44 -6.10
N CYS A 21 -0.67 1.89 -5.62
CA CYS A 21 -0.31 0.45 -5.87
C CYS A 21 -1.38 -0.66 -5.54
N CYS A 22 -2.27 -0.33 -4.61
CA CYS A 22 -3.50 -1.05 -4.23
C CYS A 22 -4.70 -1.01 -5.21
N GLN A 23 -4.78 0.04 -6.01
CA GLN A 23 -5.75 0.23 -7.09
C GLN A 23 -5.57 -0.72 -8.31
N ARG A 24 -4.33 -0.94 -8.83
CA ARG A 24 -3.96 -2.10 -9.72
C ARG A 24 -4.93 -2.31 -10.93
N NH2 A 25 -5.13 -1.36 -11.85
HN1 NH2 A 25 -4.77 -0.41 -11.66
HN2 NH2 A 25 -5.85 -1.62 -12.52
#